data_6CQS
#
_entry.id   6CQS
#
_cell.length_a   73.601
_cell.length_b   73.601
_cell.length_c   108.784
_cell.angle_alpha   90.00
_cell.angle_beta   90.00
_cell.angle_gamma   90.00
#
_symmetry.space_group_name_H-M   'P 43 21 2'
#
loop_
_entity.id
_entity.type
_entity.pdbx_description
1 polymer Beta-lactamase
2 non-polymer 'ZINC ION'
3 water water
#
_entity_poly.entity_id   1
_entity_poly.type   'polypeptide(L)'
_entity_poly.pdbx_seq_one_letter_code
;GQPEYPVIRLNDELEVREILPNAFVITHKFPWGGNSLVVLIGEKYAVFVDTPYTPEATENVLDWINKQYGNRQFIEINTG
YHVDNLGGNDALLHRNIPIIGSDKTVSLLRERGEATRQLTMGWLEGPGNEKFLKRHETIPYVGPSQIFQLTEGYHFTVGD
EPIEVFFPGETHAPDNIVVYFPERKILFGGCMLRVGNGTGNRADANMDTWKSSVERLRDFDCVAVIPGHGIRFDPGVIEN
TISVLP
;
_entity_poly.pdbx_strand_id   A
#
# COMPACT_ATOMS: atom_id res chain seq x y z
N TYR A 5 -16.16 -11.27 -3.21
CA TYR A 5 -16.71 -10.10 -2.55
C TYR A 5 -17.51 -9.31 -3.57
N PRO A 6 -18.61 -8.69 -3.15
CA PRO A 6 -19.20 -7.64 -3.98
C PRO A 6 -18.12 -6.64 -4.39
N VAL A 7 -18.21 -6.15 -5.62
CA VAL A 7 -17.22 -5.21 -6.13
C VAL A 7 -17.93 -3.90 -6.46
N ILE A 8 -17.46 -2.82 -5.85
CA ILE A 8 -17.90 -1.48 -6.20
C ILE A 8 -16.95 -0.94 -7.25
N ARG A 9 -17.45 -0.63 -8.43
CA ARG A 9 -16.61 -0.07 -9.49
C ARG A 9 -16.83 1.44 -9.52
N LEU A 10 -15.88 2.17 -8.92
CA LEU A 10 -16.02 3.63 -8.92
C LEU A 10 -15.88 4.17 -10.33
N ASN A 11 -15.00 3.56 -11.11
CA ASN A 11 -14.80 3.90 -12.50
C ASN A 11 -14.12 2.74 -13.20
N ASP A 12 -13.66 2.96 -14.41
CA ASP A 12 -13.01 1.90 -15.17
C ASP A 12 -11.72 1.36 -14.56
N GLU A 13 -10.99 2.20 -13.83
CA GLU A 13 -9.74 1.79 -13.24
C GLU A 13 -9.80 1.47 -11.74
N LEU A 14 -10.93 1.71 -11.11
CA LEU A 14 -11.00 1.59 -9.67
C LEU A 14 -12.06 0.72 -9.09
N GLU A 15 -11.63 -0.24 -8.30
CA GLU A 15 -12.53 -1.17 -7.66
C GLU A 15 -12.37 -1.09 -6.15
N VAL A 16 -13.48 -1.28 -5.43
CA VAL A 16 -13.48 -1.28 -3.96
C VAL A 16 -14.18 -2.52 -3.46
N ARG A 17 -13.56 -3.24 -2.52
CA ARG A 17 -14.19 -4.41 -1.93
C ARG A 17 -14.21 -4.25 -0.41
N GLU A 18 -15.40 -4.38 0.19
CA GLU A 18 -15.52 -4.33 1.65
C GLU A 18 -15.26 -5.74 2.18
N ILE A 19 -14.01 -6.02 2.56
CA ILE A 19 -13.67 -7.40 2.88
C ILE A 19 -14.03 -7.78 4.30
N LEU A 20 -14.15 -6.79 5.19
CA LEU A 20 -14.64 -6.95 6.55
C LEU A 20 -15.46 -5.71 6.82
N PRO A 21 -16.32 -5.72 7.84
CA PRO A 21 -17.08 -4.49 8.14
C PRO A 21 -16.16 -3.27 8.26
N ASN A 22 -16.39 -2.29 7.39
CA ASN A 22 -15.69 -1.01 7.41
C ASN A 22 -14.22 -1.12 7.02
N ALA A 23 -13.83 -2.19 6.34
CA ALA A 23 -12.47 -2.35 5.84
C ALA A 23 -12.55 -2.59 4.34
N PHE A 24 -11.97 -1.66 3.57
CA PHE A 24 -12.15 -1.62 2.12
C PHE A 24 -10.80 -1.78 1.45
N VAL A 25 -10.67 -2.82 0.62
CA VAL A 25 -9.50 -2.93 -0.25
C VAL A 25 -9.77 -2.18 -1.54
N ILE A 26 -8.91 -1.23 -1.85
CA ILE A 26 -8.98 -0.39 -3.03
C ILE A 26 -8.03 -0.97 -4.05
N THR A 27 -8.55 -1.39 -5.21
CA THR A 27 -7.71 -1.92 -6.28
C THR A 27 -7.74 -0.93 -7.43
N HIS A 28 -6.60 -0.33 -7.70
CA HIS A 28 -6.45 0.61 -8.80
C HIS A 28 -5.66 -0.08 -9.90
N LYS A 29 -6.19 -0.08 -11.11
CA LYS A 29 -5.52 -0.72 -12.22
C LYS A 29 -4.92 0.34 -13.09
N PHE A 30 -3.60 0.45 -13.06
CA PHE A 30 -2.97 1.53 -13.78
C PHE A 30 -1.60 1.29 -14.40
N PRO A 31 -1.50 0.32 -15.31
CA PRO A 31 -2.56 -0.57 -15.78
C PRO A 31 -2.69 -1.82 -14.91
N TRP A 32 -1.60 -2.21 -14.24
CA TRP A 32 -1.61 -3.32 -13.29
C TRP A 32 -2.50 -3.02 -12.10
N GLY A 33 -3.07 -4.06 -11.55
CA GLY A 33 -3.84 -3.84 -10.37
C GLY A 33 -2.95 -3.74 -9.14
N GLY A 34 -3.11 -2.67 -8.39
CA GLY A 34 -2.42 -2.52 -7.11
C GLY A 34 -3.41 -2.20 -6.01
N ASN A 35 -3.09 -2.67 -4.79
CA ASN A 35 -4.01 -2.58 -3.66
C ASN A 35 -3.59 -1.53 -2.64
N SER A 36 -4.61 -0.88 -2.05
CA SER A 36 -4.46 -0.08 -0.85
C SER A 36 -5.68 -0.39 0.02
N LEU A 37 -5.70 0.16 1.23
CA LEU A 37 -6.72 -0.24 2.20
C LEU A 37 -7.24 0.99 2.93
N VAL A 38 -8.56 1.10 3.09
CA VAL A 38 -9.19 2.11 3.93
C VAL A 38 -9.92 1.41 5.06
N VAL A 39 -9.61 1.78 6.31
CA VAL A 39 -10.30 1.24 7.49
C VAL A 39 -10.98 2.42 8.18
N LEU A 40 -12.30 2.34 8.33
CA LEU A 40 -13.04 3.39 9.03
C LEU A 40 -12.99 3.15 10.53
N ILE A 41 -12.68 4.17 11.31
CA ILE A 41 -12.53 4.04 12.76
C ILE A 41 -13.45 5.01 13.44
N GLY A 42 -14.43 4.51 14.19
CA GLY A 42 -15.44 5.35 14.76
C GLY A 42 -16.27 6.02 13.68
N GLU A 43 -16.77 7.21 13.98
CA GLU A 43 -17.54 7.94 13.00
C GLU A 43 -16.75 9.06 12.34
N LYS A 44 -15.56 9.31 12.84
CA LYS A 44 -14.86 10.50 12.42
C LYS A 44 -13.53 10.25 11.74
N TYR A 45 -13.00 9.04 11.80
CA TYR A 45 -11.64 8.77 11.35
C TYR A 45 -11.58 7.70 10.27
N ALA A 46 -10.45 7.64 9.59
CA ALA A 46 -10.18 6.59 8.63
C ALA A 46 -8.68 6.48 8.47
N VAL A 47 -8.19 5.25 8.35
CA VAL A 47 -6.78 5.00 8.07
C VAL A 47 -6.68 4.45 6.66
N PHE A 48 -5.77 5.02 5.89
CA PHE A 48 -5.51 4.67 4.50
C PHE A 48 -4.11 4.08 4.47
N VAL A 49 -3.98 2.81 4.08
CA VAL A 49 -2.68 2.15 3.98
C VAL A 49 -2.37 2.03 2.50
N ASP A 50 -1.31 2.70 2.10
CA ASP A 50 -0.91 2.82 0.72
C ASP A 50 -1.93 3.74 0.02
N THR A 51 -1.73 3.94 -1.25
CA THR A 51 -2.64 4.74 -2.03
C THR A 51 -2.75 4.15 -3.40
N PRO A 52 -3.69 4.67 -4.21
CA PRO A 52 -3.75 4.26 -5.61
C PRO A 52 -2.58 4.90 -6.39
N TYR A 53 -2.37 4.44 -7.60
CA TYR A 53 -1.25 4.95 -8.37
C TYR A 53 -1.25 6.46 -8.60
N THR A 54 -2.41 7.09 -8.56
CA THR A 54 -2.47 8.49 -8.96
C THR A 54 -3.20 9.33 -7.92
N PRO A 55 -2.90 10.63 -7.86
CA PRO A 55 -3.68 11.51 -6.98
C PRO A 55 -5.16 11.55 -7.36
N GLU A 56 -5.48 11.55 -8.65
CA GLU A 56 -6.87 11.59 -9.06
C GLU A 56 -7.67 10.37 -8.59
N ALA A 57 -7.09 9.19 -8.72
CA ALA A 57 -7.75 8.00 -8.21
C ALA A 57 -7.88 8.06 -6.70
N THR A 58 -6.86 8.57 -6.03
CA THR A 58 -6.92 8.70 -4.57
C THR A 58 -8.04 9.67 -4.16
N GLU A 59 -8.17 10.78 -4.87
CA GLU A 59 -9.28 11.69 -4.63
C GLU A 59 -10.63 11.02 -4.82
N ASN A 60 -10.76 10.19 -5.85
CA ASN A 60 -12.01 9.48 -6.06
C ASN A 60 -12.37 8.62 -4.86
N VAL A 61 -11.36 7.95 -4.28
CA VAL A 61 -11.60 7.11 -3.11
C VAL A 61 -11.99 7.96 -1.91
N LEU A 62 -11.22 9.02 -1.66
CA LEU A 62 -11.53 9.90 -0.52
C LEU A 62 -12.94 10.46 -0.62
N ASP A 63 -13.33 10.94 -1.80
CA ASP A 63 -14.66 11.52 -1.96
C ASP A 63 -15.75 10.48 -1.76
N TRP A 64 -15.52 9.27 -2.24
CA TRP A 64 -16.53 8.23 -2.09
C TRP A 64 -16.72 7.87 -0.63
N ILE A 65 -15.60 7.64 0.08
CA ILE A 65 -15.66 7.30 1.50
C ILE A 65 -16.39 8.40 2.27
N ASN A 66 -16.03 9.66 2.01
CA ASN A 66 -16.61 10.77 2.74
C ASN A 66 -18.11 10.88 2.50
N LYS A 67 -18.53 10.68 1.26
CA LYS A 67 -19.93 10.76 0.92
C LYS A 67 -20.75 9.58 1.44
N GLN A 68 -20.15 8.40 1.47
CA GLN A 68 -20.87 7.21 1.92
C GLN A 68 -20.88 7.09 3.43
N TYR A 69 -19.84 7.57 4.11
CA TYR A 69 -19.67 7.28 5.53
C TYR A 69 -19.48 8.54 6.38
N GLY A 70 -19.64 9.73 5.81
CA GLY A 70 -19.43 10.95 6.57
C GLY A 70 -17.99 11.42 6.44
N ASN A 71 -17.77 12.73 6.43
CA ASN A 71 -16.42 13.26 6.26
C ASN A 71 -15.50 12.72 7.34
N ARG A 72 -14.33 12.23 6.93
CA ARG A 72 -13.38 11.61 7.84
C ARG A 72 -12.10 12.43 7.94
N GLN A 73 -11.50 12.40 9.14
CA GLN A 73 -10.11 12.77 9.29
C GLN A 73 -9.27 11.56 8.92
N PHE A 74 -8.58 11.63 7.78
CA PHE A 74 -7.78 10.53 7.27
C PHE A 74 -6.36 10.59 7.82
N ILE A 75 -5.74 9.42 7.92
CA ILE A 75 -4.31 9.28 8.15
C ILE A 75 -3.81 8.24 7.17
N GLU A 76 -2.74 8.51 6.47
CA GLU A 76 -2.19 7.56 5.53
C GLU A 76 -0.87 7.00 6.02
N ILE A 77 -0.63 5.73 5.73
CA ILE A 77 0.64 5.07 6.02
C ILE A 77 1.16 4.48 4.70
N ASN A 78 2.25 5.06 4.18
CA ASN A 78 2.96 4.50 3.02
C ASN A 78 3.73 3.25 3.42
N THR A 79 3.54 2.14 2.71
CA THR A 79 4.28 0.93 3.07
C THR A 79 5.48 0.68 2.17
N GLY A 80 5.79 1.61 1.28
CA GLY A 80 6.96 1.53 0.41
C GLY A 80 7.05 2.84 -0.33
N TYR A 81 8.03 2.96 -1.22
CA TYR A 81 8.25 4.17 -1.96
C TYR A 81 7.83 4.11 -3.42
N HIS A 82 7.34 2.97 -3.83
CA HIS A 82 7.00 2.86 -5.23
C HIS A 82 5.70 3.57 -5.56
N VAL A 83 5.44 3.76 -6.85
CA VAL A 83 4.23 4.43 -7.28
C VAL A 83 2.95 3.71 -6.84
N ASP A 84 3.03 2.40 -6.68
CA ASP A 84 1.86 1.67 -6.21
C ASP A 84 1.70 1.75 -4.68
N ASN A 85 2.68 2.30 -3.97
CA ASN A 85 2.47 2.52 -2.57
C ASN A 85 2.07 3.93 -2.26
N LEU A 86 2.66 4.88 -2.97
CA LEU A 86 2.43 6.28 -2.65
C LEU A 86 2.15 7.27 -3.76
N GLY A 87 1.82 6.74 -4.91
CA GLY A 87 1.54 7.55 -6.10
C GLY A 87 0.43 8.57 -5.90
N GLY A 88 -0.45 8.33 -4.94
CA GLY A 88 -1.53 9.26 -4.64
C GLY A 88 -1.25 10.25 -3.51
N ASN A 89 -0.04 10.26 -2.96
CA ASN A 89 0.26 11.12 -1.83
C ASN A 89 -0.07 12.60 -2.07
N ASP A 90 0.06 13.11 -3.30
CA ASP A 90 -0.23 14.53 -3.45
C ASP A 90 -1.69 14.85 -3.17
N ALA A 91 -2.60 13.93 -3.48
CA ALA A 91 -4.00 14.16 -3.13
C ALA A 91 -4.15 14.32 -1.63
N LEU A 92 -3.39 13.53 -0.86
CA LEU A 92 -3.45 13.63 0.59
C LEU A 92 -2.83 14.93 1.07
N LEU A 93 -1.66 15.29 0.50
CA LEU A 93 -0.96 16.50 0.90
C LEU A 93 -1.85 17.74 0.74
N HIS A 94 -2.57 17.83 -0.38
CA HIS A 94 -3.40 19.01 -0.59
C HIS A 94 -4.63 19.05 0.30
N ARG A 95 -4.98 17.94 0.94
CA ARG A 95 -6.04 17.93 1.94
C ARG A 95 -5.48 17.97 3.36
N ASN A 96 -4.17 18.17 3.51
CA ASN A 96 -3.50 18.20 4.81
C ASN A 96 -3.74 16.91 5.60
N ILE A 97 -3.80 15.79 4.88
CA ILE A 97 -3.89 14.48 5.50
C ILE A 97 -2.47 14.05 5.86
N PRO A 98 -2.20 13.71 7.10
CA PRO A 98 -0.85 13.26 7.47
C PRO A 98 -0.47 12.00 6.70
N ILE A 99 0.79 11.95 6.25
CA ILE A 99 1.32 10.80 5.54
C ILE A 99 2.46 10.24 6.37
N ILE A 100 2.25 9.06 6.95
CA ILE A 100 3.25 8.38 7.77
C ILE A 100 4.11 7.50 6.88
N GLY A 101 5.41 7.54 7.09
CA GLY A 101 6.30 6.65 6.36
C GLY A 101 7.66 6.66 7.01
N SER A 102 8.52 5.76 6.56
CA SER A 102 9.82 5.62 7.20
C SER A 102 10.86 6.54 6.57
N ASP A 103 11.97 6.74 7.31
CA ASP A 103 13.06 7.54 6.75
C ASP A 103 13.71 6.83 5.58
N LYS A 104 13.64 5.49 5.55
CA LYS A 104 14.16 4.74 4.40
C LYS A 104 13.31 4.98 3.16
N THR A 105 12.00 5.08 3.33
CA THR A 105 11.13 5.42 2.20
C THR A 105 11.49 6.80 1.65
N VAL A 106 11.73 7.76 2.53
CA VAL A 106 12.11 9.09 2.09
C VAL A 106 13.42 9.05 1.32
N SER A 107 14.42 8.32 1.84
N SER A 107 14.37 8.34 1.93
CA SER A 107 15.72 8.25 1.18
CA SER A 107 15.67 8.27 1.27
C SER A 107 15.64 7.55 -0.17
C SER A 107 15.59 7.58 -0.09
N LEU A 108 14.85 6.47 -0.24
CA LEU A 108 14.73 5.71 -1.48
C LEU A 108 14.00 6.52 -2.54
N LEU A 109 12.95 7.25 -2.14
CA LEU A 109 12.25 8.09 -3.10
C LEU A 109 13.18 9.16 -3.65
N ARG A 110 13.94 9.80 -2.77
CA ARG A 110 14.90 10.81 -3.20
C ARG A 110 15.94 10.21 -4.13
N GLU A 111 16.52 9.06 -3.77
CA GLU A 111 17.64 8.51 -4.52
C GLU A 111 17.21 7.70 -5.73
N ARG A 112 16.09 6.98 -5.64
CA ARG A 112 15.69 6.06 -6.69
C ARG A 112 14.36 6.40 -7.36
N GLY A 113 13.64 7.40 -6.87
CA GLY A 113 12.28 7.65 -7.35
C GLY A 113 12.19 7.90 -8.84
N GLU A 114 13.00 8.81 -9.35
CA GLU A 114 12.94 9.10 -10.76
C GLU A 114 13.46 7.96 -11.62
N ALA A 115 14.48 7.28 -11.14
CA ALA A 115 14.98 6.12 -11.88
C ALA A 115 13.91 5.04 -11.98
N THR A 116 13.15 4.83 -10.91
CA THR A 116 12.09 3.84 -10.93
C THR A 116 10.94 4.28 -11.82
N ARG A 117 10.67 5.59 -11.88
CA ARG A 117 9.67 6.09 -12.83
C ARG A 117 10.05 5.73 -14.26
N GLN A 118 11.33 5.94 -14.61
CA GLN A 118 11.79 5.58 -15.95
C GLN A 118 11.64 4.09 -16.23
N LEU A 119 12.00 3.24 -15.26
CA LEU A 119 11.79 1.80 -15.40
C LEU A 119 10.32 1.48 -15.63
N THR A 120 9.44 2.11 -14.85
CA THR A 120 8.00 1.90 -15.03
C THR A 120 7.56 2.32 -16.42
N MET A 121 7.97 3.52 -16.85
CA MET A 121 7.61 3.99 -18.18
C MET A 121 8.12 3.04 -19.26
N GLY A 122 9.32 2.47 -19.04
CA GLY A 122 9.89 1.56 -20.03
C GLY A 122 9.03 0.33 -20.28
N TRP A 123 8.21 -0.04 -19.31
CA TRP A 123 7.29 -1.15 -19.47
C TRP A 123 6.00 -0.75 -20.16
N LEU A 124 5.74 0.54 -20.30
CA LEU A 124 4.48 1.03 -20.84
C LEU A 124 4.64 1.62 -22.24
N GLU A 125 5.72 1.27 -22.93
CA GLU A 125 5.94 1.87 -24.24
C GLU A 125 5.23 1.14 -25.37
N GLY A 126 4.52 0.06 -25.08
CA GLY A 126 3.92 -0.74 -26.12
C GLY A 126 2.53 -0.30 -26.48
N PRO A 127 2.01 -0.84 -27.59
CA PRO A 127 0.68 -0.44 -28.05
C PRO A 127 -0.38 -0.73 -26.99
N GLY A 128 -1.30 0.22 -26.82
CA GLY A 128 -2.35 0.11 -25.85
C GLY A 128 -2.04 0.70 -24.49
N ASN A 129 -0.76 0.97 -24.21
CA ASN A 129 -0.35 1.49 -22.91
C ASN A 129 -0.11 3.00 -22.96
N GLU A 130 -0.58 3.68 -24.01
CA GLU A 130 -0.24 5.08 -24.21
C GLU A 130 -0.74 5.97 -23.08
N LYS A 131 -1.98 5.78 -22.64
CA LYS A 131 -2.50 6.66 -21.60
C LYS A 131 -1.80 6.43 -20.27
N PHE A 132 -1.42 5.18 -19.97
CA PHE A 132 -0.68 4.91 -18.74
C PHE A 132 0.74 5.44 -18.82
N LEU A 133 1.38 5.29 -19.98
CA LEU A 133 2.72 5.86 -20.15
C LEU A 133 2.71 7.36 -19.92
N LYS A 134 1.69 8.04 -20.45
CA LYS A 134 1.63 9.49 -20.36
C LYS A 134 1.47 9.95 -18.91
N ARG A 135 0.56 9.33 -18.18
CA ARG A 135 0.29 9.77 -16.81
C ARG A 135 1.41 9.36 -15.86
N HIS A 136 1.99 8.17 -16.06
CA HIS A 136 3.11 7.77 -15.20
C HIS A 136 4.28 8.73 -15.33
N GLU A 137 4.42 9.39 -16.48
CA GLU A 137 5.45 10.40 -16.62
C GLU A 137 5.17 11.63 -15.75
N THR A 138 3.91 11.93 -15.46
CA THR A 138 3.56 13.20 -14.83
C THR A 138 3.07 13.08 -13.39
N ILE A 139 2.91 11.88 -12.86
CA ILE A 139 2.46 11.73 -11.47
C ILE A 139 3.46 12.40 -10.53
N PRO A 140 3.03 13.32 -9.67
CA PRO A 140 3.96 13.92 -8.71
C PRO A 140 4.34 12.92 -7.63
N TYR A 141 5.65 12.71 -7.45
CA TYR A 141 6.17 11.82 -6.41
C TYR A 141 6.42 12.65 -5.16
N VAL A 142 5.61 12.41 -4.13
CA VAL A 142 5.60 13.17 -2.89
C VAL A 142 5.82 12.17 -1.76
N GLY A 143 6.78 12.45 -0.88
CA GLY A 143 7.10 11.53 0.20
C GLY A 143 6.26 11.75 1.44
N PRO A 144 6.45 10.89 2.45
CA PRO A 144 5.70 11.04 3.70
C PRO A 144 6.05 12.34 4.42
N SER A 145 5.12 12.80 5.25
CA SER A 145 5.26 14.04 5.98
C SER A 145 5.47 13.83 7.48
N GLN A 146 5.13 12.65 8.01
CA GLN A 146 5.34 12.29 9.41
C GLN A 146 6.21 11.04 9.40
N ILE A 147 7.49 11.19 9.75
CA ILE A 147 8.48 10.18 9.41
C ILE A 147 9.00 9.52 10.68
N PHE A 148 9.15 8.20 10.62
CA PHE A 148 9.70 7.42 11.72
C PHE A 148 10.92 6.66 11.24
N GLN A 149 11.75 6.23 12.20
CA GLN A 149 12.93 5.45 11.87
C GLN A 149 12.50 4.04 11.50
N LEU A 150 12.90 3.59 10.29
CA LEU A 150 12.44 2.33 9.73
C LEU A 150 12.50 1.17 10.73
N THR A 151 13.69 0.92 11.29
CA THR A 151 13.84 -0.26 12.12
C THR A 151 13.15 -0.13 13.47
N GLU A 152 12.77 1.08 13.87
CA GLU A 152 12.00 1.25 15.11
C GLU A 152 10.53 0.87 14.93
N GLY A 153 9.99 1.00 13.72
CA GLY A 153 8.56 0.85 13.59
C GLY A 153 7.85 2.04 14.21
N TYR A 154 6.53 1.91 14.30
CA TYR A 154 5.71 3.01 14.81
C TYR A 154 4.41 2.45 15.35
N HIS A 155 4.04 2.87 16.56
CA HIS A 155 2.79 2.50 17.20
C HIS A 155 2.03 3.76 17.52
N PHE A 156 0.74 3.81 17.19
CA PHE A 156 -0.06 4.98 17.51
C PHE A 156 -1.51 4.55 17.62
N THR A 157 -2.36 5.45 18.10
CA THR A 157 -3.77 5.16 18.22
C THR A 157 -4.59 6.19 17.48
N VAL A 158 -5.67 5.74 16.88
CA VAL A 158 -6.53 6.62 16.15
C VAL A 158 -7.86 6.42 16.79
N GLY A 159 -8.41 7.46 17.39
CA GLY A 159 -9.70 7.31 18.02
C GLY A 159 -9.79 6.15 18.98
N ASP A 160 -8.79 6.03 19.82
CA ASP A 160 -8.68 4.99 20.84
C ASP A 160 -8.31 3.60 20.35
N GLU A 161 -8.19 3.44 19.03
CA GLU A 161 -7.85 2.16 18.44
C GLU A 161 -6.41 2.12 18.06
N PRO A 162 -5.70 1.14 18.53
CA PRO A 162 -4.28 1.04 18.24
C PRO A 162 -3.96 0.53 16.84
N ILE A 163 -2.88 1.07 16.30
CA ILE A 163 -2.36 0.67 15.00
C ILE A 163 -0.86 0.45 15.14
N GLU A 164 -0.34 -0.61 14.50
CA GLU A 164 1.05 -0.99 14.62
C GLU A 164 1.70 -1.06 13.24
N VAL A 165 2.87 -0.45 13.11
CA VAL A 165 3.64 -0.39 11.88
C VAL A 165 4.97 -1.08 12.15
N PHE A 166 5.26 -2.14 11.39
CA PHE A 166 6.34 -3.06 11.71
C PHE A 166 7.21 -3.32 10.49
N PHE A 167 8.52 -3.21 10.67
CA PHE A 167 9.48 -3.58 9.63
C PHE A 167 10.02 -4.96 9.91
N PRO A 168 9.76 -5.97 9.09
CA PRO A 168 10.22 -7.34 9.38
C PRO A 168 11.62 -7.68 8.87
N GLY A 169 12.27 -6.76 8.15
CA GLY A 169 13.48 -7.09 7.42
C GLY A 169 13.25 -6.78 5.95
N GLU A 170 14.31 -6.67 5.16
CA GLU A 170 14.16 -6.29 3.76
C GLU A 170 13.45 -7.38 2.97
N THR A 171 12.53 -6.97 2.10
CA THR A 171 11.76 -7.91 1.32
C THR A 171 11.78 -7.51 -0.14
N HIS A 172 10.64 -7.05 -0.62
CA HIS A 172 10.49 -6.61 -1.99
C HIS A 172 11.31 -5.34 -2.27
N ALA A 173 11.39 -4.50 -1.26
CA ALA A 173 12.16 -3.27 -1.28
C ALA A 173 12.71 -3.06 0.14
N PRO A 174 13.85 -2.37 0.25
CA PRO A 174 14.46 -2.23 1.58
C PRO A 174 13.57 -1.58 2.62
N ASP A 175 12.49 -0.89 2.21
CA ASP A 175 11.68 -0.12 3.13
C ASP A 175 10.29 -0.72 3.39
N ASN A 176 9.97 -1.87 2.80
CA ASN A 176 8.64 -2.38 3.00
C ASN A 176 8.24 -2.66 4.46
N ILE A 177 7.11 -2.19 4.83
CA ILE A 177 6.61 -2.40 6.18
C ILE A 177 5.21 -2.97 6.08
N VAL A 178 4.72 -3.50 7.19
CA VAL A 178 3.35 -3.99 7.29
C VAL A 178 2.62 -3.13 8.31
N VAL A 179 1.29 -3.07 8.18
CA VAL A 179 0.45 -2.34 9.13
C VAL A 179 -0.55 -3.33 9.73
N TYR A 180 -0.61 -3.39 11.06
CA TYR A 180 -1.44 -4.34 11.77
C TYR A 180 -2.46 -3.57 12.59
N PHE A 181 -3.73 -3.99 12.48
CA PHE A 181 -4.84 -3.48 13.29
C PHE A 181 -5.19 -4.53 14.32
N PRO A 182 -4.60 -4.50 15.52
CA PRO A 182 -4.86 -5.58 16.49
C PRO A 182 -6.33 -5.77 16.85
N GLU A 183 -7.13 -4.70 16.87
CA GLU A 183 -8.54 -4.84 17.22
C GLU A 183 -9.36 -5.46 16.10
N ARG A 184 -8.82 -5.54 14.90
CA ARG A 184 -9.52 -6.16 13.78
C ARG A 184 -8.83 -7.38 13.18
N LYS A 185 -7.63 -7.70 13.66
CA LYS A 185 -6.85 -8.81 13.12
C LYS A 185 -6.70 -8.70 11.60
N ILE A 186 -6.50 -7.46 11.14
CA ILE A 186 -6.19 -7.17 9.74
C ILE A 186 -4.72 -6.83 9.65
N LEU A 187 -4.01 -7.50 8.74
CA LEU A 187 -2.62 -7.16 8.42
C LEU A 187 -2.54 -6.70 6.96
N PHE A 188 -2.09 -5.46 6.74
CA PHE A 188 -1.73 -5.02 5.40
C PHE A 188 -0.27 -5.40 5.17
N GLY A 189 -0.04 -6.38 4.30
CA GLY A 189 1.32 -6.81 4.01
C GLY A 189 1.94 -6.11 2.82
N GLY A 190 1.13 -5.65 1.87
CA GLY A 190 1.72 -4.89 0.78
C GLY A 190 2.59 -5.74 -0.13
N CYS A 191 3.54 -5.09 -0.78
CA CYS A 191 4.35 -5.76 -1.77
C CYS A 191 5.31 -6.84 -1.32
N MET A 192 5.48 -7.02 -0.05
CA MET A 192 6.25 -8.18 0.39
C MET A 192 5.46 -9.48 0.32
N LEU A 193 4.13 -9.40 0.12
CA LEU A 193 3.31 -10.60 0.02
C LEU A 193 2.88 -10.81 -1.43
N ARG A 194 2.78 -12.06 -1.84
CA ARG A 194 2.56 -12.41 -3.24
C ARG A 194 1.34 -13.32 -3.38
N VAL A 195 0.62 -13.07 -4.45
CA VAL A 195 -0.50 -13.86 -4.87
C VAL A 195 0.05 -14.56 -6.13
N GLY A 196 -0.26 -15.83 -6.31
CA GLY A 196 0.33 -16.56 -7.42
C GLY A 196 1.72 -17.08 -7.09
N ASN A 197 2.49 -17.38 -8.14
CA ASN A 197 3.75 -18.09 -8.00
C ASN A 197 4.98 -17.22 -8.20
N GLY A 198 4.82 -15.96 -8.57
CA GLY A 198 5.95 -15.12 -8.88
C GLY A 198 6.34 -14.17 -7.75
N THR A 199 7.53 -13.61 -7.88
CA THR A 199 8.03 -12.58 -6.97
C THR A 199 7.64 -11.17 -7.40
N GLY A 200 7.31 -10.96 -8.67
CA GLY A 200 7.22 -9.62 -9.19
C GLY A 200 8.60 -9.05 -9.45
N ASN A 201 8.61 -7.76 -9.78
CA ASN A 201 9.85 -7.06 -10.09
C ASN A 201 10.82 -7.14 -8.92
N ARG A 202 12.05 -7.52 -9.21
CA ARG A 202 13.05 -7.68 -8.19
C ARG A 202 14.14 -6.59 -8.14
N ALA A 203 13.96 -5.51 -8.87
CA ALA A 203 14.99 -4.49 -8.93
C ALA A 203 15.42 -4.00 -7.55
N ASP A 204 14.50 -4.00 -6.61
CA ASP A 204 14.84 -3.53 -5.30
C ASP A 204 14.81 -4.63 -4.31
N ALA A 205 14.57 -5.87 -4.69
CA ALA A 205 14.42 -6.94 -3.72
C ALA A 205 15.67 -7.50 -3.07
N ASN A 206 15.53 -7.99 -1.85
CA ASN A 206 16.62 -8.68 -1.16
C ASN A 206 16.21 -10.14 -1.07
N MET A 207 16.66 -10.94 -2.03
CA MET A 207 16.29 -12.35 -2.04
C MET A 207 16.93 -13.13 -0.90
N ASP A 208 17.96 -12.57 -0.25
CA ASP A 208 18.56 -13.26 0.89
C ASP A 208 17.70 -13.19 2.14
N THR A 209 16.98 -12.09 2.37
CA THR A 209 16.24 -11.89 3.60
C THR A 209 14.72 -11.96 3.45
N TRP A 210 14.20 -11.94 2.22
CA TRP A 210 12.77 -11.76 2.03
C TRP A 210 11.97 -12.89 2.70
N LYS A 211 12.38 -14.14 2.49
CA LYS A 211 11.61 -15.22 3.07
C LYS A 211 11.63 -15.18 4.60
N SER A 212 12.82 -14.96 5.18
N SER A 212 12.83 -14.96 5.17
CA SER A 212 12.92 -14.94 6.64
CA SER A 212 12.94 -14.92 6.62
C SER A 212 12.16 -13.76 7.24
C SER A 212 12.12 -13.78 7.21
N SER A 213 12.08 -12.64 6.51
CA SER A 213 11.30 -11.51 6.99
C SER A 213 9.81 -11.83 6.97
N VAL A 214 9.32 -12.44 5.89
CA VAL A 214 7.90 -12.78 5.83
C VAL A 214 7.56 -13.85 6.85
N GLU A 215 8.50 -14.74 7.17
CA GLU A 215 8.19 -15.74 8.18
C GLU A 215 7.88 -15.08 9.52
N ARG A 216 8.44 -13.90 9.79
CA ARG A 216 8.14 -13.23 11.05
C ARG A 216 6.69 -12.80 11.14
N LEU A 217 6.01 -12.67 10.01
CA LEU A 217 4.59 -12.28 10.04
C LEU A 217 3.69 -13.38 10.56
N ARG A 218 4.20 -14.61 10.72
CA ARG A 218 3.37 -15.67 11.27
C ARG A 218 2.89 -15.37 12.69
N ASP A 219 3.58 -14.48 13.40
CA ASP A 219 3.21 -14.17 14.77
C ASP A 219 2.01 -13.23 14.87
N PHE A 220 1.61 -12.59 13.78
CA PHE A 220 0.42 -11.75 13.83
C PHE A 220 -0.82 -12.63 13.80
N ASP A 221 -1.78 -12.32 14.67
CA ASP A 221 -3.07 -13.01 14.67
C ASP A 221 -3.95 -12.34 13.62
N CYS A 222 -4.19 -13.02 12.52
CA CYS A 222 -4.84 -12.42 11.36
C CYS A 222 -6.12 -13.16 10.99
N VAL A 223 -7.13 -12.38 10.62
CA VAL A 223 -8.34 -12.87 9.97
C VAL A 223 -8.27 -12.50 8.49
N ALA A 224 -7.58 -11.41 8.18
CA ALA A 224 -7.45 -10.98 6.80
C ALA A 224 -6.06 -10.39 6.60
N VAL A 225 -5.50 -10.62 5.41
CA VAL A 225 -4.15 -10.18 5.07
C VAL A 225 -4.18 -9.60 3.65
N ILE A 226 -3.67 -8.39 3.49
CA ILE A 226 -3.81 -7.66 2.23
C ILE A 226 -2.46 -7.68 1.51
N PRO A 227 -2.40 -8.29 0.33
CA PRO A 227 -1.16 -8.24 -0.42
C PRO A 227 -1.14 -6.99 -1.30
N GLY A 228 -0.01 -6.66 -1.88
CA GLY A 228 0.10 -5.49 -2.71
C GLY A 228 -0.58 -5.61 -4.05
N HIS A 229 -0.66 -6.83 -4.56
CA HIS A 229 -1.30 -7.05 -5.84
C HIS A 229 -2.08 -8.35 -5.83
N GLY A 230 -3.24 -8.37 -6.47
CA GLY A 230 -4.05 -9.56 -6.47
C GLY A 230 -5.24 -9.50 -5.55
N ILE A 231 -6.31 -10.19 -5.91
CA ILE A 231 -7.50 -10.20 -5.08
C ILE A 231 -7.55 -11.47 -4.26
N ARG A 232 -6.80 -11.50 -3.18
CA ARG A 232 -6.79 -12.63 -2.28
C ARG A 232 -6.41 -12.11 -0.91
N PHE A 233 -7.27 -12.32 0.09
CA PHE A 233 -7.09 -11.68 1.38
C PHE A 233 -7.16 -12.63 2.56
N ASP A 234 -7.16 -13.95 2.33
CA ASP A 234 -7.12 -14.86 3.46
C ASP A 234 -5.72 -14.89 4.06
N PRO A 235 -5.59 -15.26 5.33
CA PRO A 235 -4.25 -15.32 5.96
C PRO A 235 -3.31 -16.28 5.27
N GLY A 236 -3.82 -17.22 4.47
CA GLY A 236 -2.96 -18.13 3.74
C GLY A 236 -2.08 -17.45 2.70
N VAL A 237 -2.38 -16.19 2.37
CA VAL A 237 -1.47 -15.42 1.52
C VAL A 237 -0.08 -15.41 2.11
N ILE A 238 0.03 -15.40 3.45
CA ILE A 238 1.35 -15.40 4.06
C ILE A 238 2.10 -16.68 3.73
N GLU A 239 1.44 -17.81 3.84
CA GLU A 239 2.11 -19.07 3.50
C GLU A 239 2.38 -19.17 2.01
N ASN A 240 1.46 -18.70 1.18
CA ASN A 240 1.77 -18.71 -0.25
C ASN A 240 3.04 -17.92 -0.53
N THR A 241 3.16 -16.74 0.06
CA THR A 241 4.37 -15.94 -0.13
C THR A 241 5.61 -16.72 0.28
N ILE A 242 5.59 -17.30 1.48
CA ILE A 242 6.74 -18.08 1.94
C ILE A 242 7.06 -19.21 0.97
N SER A 243 6.01 -19.85 0.42
CA SER A 243 6.21 -21.00 -0.45
C SER A 243 6.88 -20.63 -1.76
N VAL A 244 6.74 -19.39 -2.21
CA VAL A 244 7.30 -18.97 -3.50
C VAL A 244 8.65 -18.27 -3.36
N LEU A 245 9.11 -17.99 -2.11
CA LEU A 245 10.41 -17.34 -2.01
C LEU A 245 11.52 -18.35 -1.81
N PRO A 246 12.75 -18.04 -2.22
CA PRO A 246 13.86 -19.00 -2.05
C PRO A 246 14.42 -19.01 -0.63
#